data_9D6L
#
_entry.id   9D6L
#
_cell.length_a   1.00
_cell.length_b   1.00
_cell.length_c   1.00
_cell.angle_alpha   90.00
_cell.angle_beta   90.00
_cell.angle_gamma   90.00
#
_symmetry.space_group_name_H-M   'P 1'
#
loop_
_entity.id
_entity.type
_entity.pdbx_description
1 polymer 'Protein transport protein Sec61 subunit gamma'
2 polymer 'Protein transport protein Sec61 subunit beta'
3 polymer 'Protein transport protein Sec61 subunit alpha isoform 1'
4 non-polymer 4-{(3S)-9-(cyclohexylmethyl)-5-[(3R,5R)-4-(3-fluoro-5-methoxyphenyl)-3,5-dimethylpiperazine-1-sulfonyl]-3-methyl-1,5,9-triazacyclododecane-1-sulfonyl}-N,N-dimethylaniline
#
loop_
_entity_poly.entity_id
_entity_poly.type
_entity_poly.pdbx_seq_one_letter_code
_entity_poly.pdbx_strand_id
1 'polypeptide(L)' MDQVMQFVEPSRQFVKDSIRLVKRCTKPDRKEFQKIAMATAIGFAIMGFIGFFVKLIHIPINNIIVGG B
2 'polypeptide(L)'
;MPGPTPSGTNVGSSGRSPSKAVAARAAGSTVRQRKNASCGTRSAGRTTSAGTGGMWRFYTEDSPGLKVGPVPVLVMSLLF
IASVFMLHIWGKYTRS
;
C
3 'polypeptide(L)'
;MAIKFLEVIKPFCVILPEIQKPERKIQFKEKVLWTAITLFIFLVCCQIPLFGIMSSDSADPFYWMRVILASNRGTLMELG
ISPIVTSGLIMQLLAGAKIIEVGDTPKDRALFNGAQKLFGMIITIGQSIVYVMTGMYGDPSEMGAGICLLITIQLFVAGL
IVLLLDELLQKGYGLGSGISLFIATNICETIVWKAFSPTTVNTGRGMEFEGAIIALFHLLATRTDKVRALREAFYRQNLP
NLMNLIATIFVFAVVIYFQGFRYELPIRSTKVRGQIGIYPIKLFYTSNIPIILQSALVSNLYVISQMLSARFSGNLLVSL
LGTWSDTSSGGPARAYPVGGLCYYLSPPESFGSVLEDPVHAVVYIVFMLGSCAFFSKTWIEVSGSSPRDIAKQFKDQGMV
INGKRETSIYRELKKIIPTAAAFGGLCIGALSVLADFLGAIGSGTGILLAVTIIYQYFEIFVKEQSEVGSMGALLF
;
A
#
loop_
_chem_comp.id
_chem_comp.type
_chem_comp.name
_chem_comp.formula
A1A2B non-polymer 4-{(3S)-9-(cyclohexylmethyl)-5-[(3R,5R)-4-(3-fluoro-5-methoxyphenyl)-3,5-dimethylpiperazine-1-sulfonyl]-3-methyl-1,5,9-triazacyclododecane-1-sulfonyl}-N,N-dimethylaniline 'C38 H61 F N6 O5 S2'
#
# COMPACT_ATOMS: atom_id res chain seq x y z
N GLN A 6 6.09 -37.88 3.21
CA GLN A 6 4.97 -36.98 3.49
C GLN A 6 5.41 -35.52 3.41
N PHE A 7 6.70 -35.28 3.62
CA PHE A 7 7.24 -33.93 3.57
C PHE A 7 8.35 -33.82 2.53
N VAL A 8 9.18 -34.85 2.43
CA VAL A 8 10.30 -34.82 1.48
C VAL A 8 9.78 -34.82 0.05
N GLU A 9 8.85 -35.74 -0.27
CA GLU A 9 8.35 -35.83 -1.64
C GLU A 9 7.58 -34.61 -2.08
N PRO A 10 6.61 -34.08 -1.32
CA PRO A 10 5.93 -32.85 -1.79
C PRO A 10 6.86 -31.66 -1.94
N SER A 11 7.80 -31.50 -1.01
CA SER A 11 8.75 -30.39 -1.11
C SER A 11 9.64 -30.55 -2.34
N ARG A 12 10.12 -31.77 -2.61
CA ARG A 12 10.94 -31.99 -3.79
C ARG A 12 10.15 -31.73 -5.06
N GLN A 13 8.89 -32.17 -5.11
CA GLN A 13 8.07 -31.92 -6.29
C GLN A 13 7.83 -30.42 -6.50
N PHE A 14 7.57 -29.69 -5.41
CA PHE A 14 7.38 -28.25 -5.52
C PHE A 14 8.65 -27.57 -6.00
N VAL A 15 9.81 -28.00 -5.49
CA VAL A 15 11.08 -27.42 -5.91
C VAL A 15 11.31 -27.67 -7.38
N LYS A 16 11.08 -28.90 -7.85
CA LYS A 16 11.26 -29.20 -9.27
C LYS A 16 10.31 -28.38 -10.14
N ASP A 17 9.04 -28.26 -9.73
CA ASP A 17 8.08 -27.48 -10.50
C ASP A 17 8.50 -26.02 -10.57
N SER A 18 8.96 -25.46 -9.44
CA SER A 18 9.39 -24.06 -9.43
C SER A 18 10.63 -23.86 -10.31
N ILE A 19 11.57 -24.80 -10.25
CA ILE A 19 12.78 -24.69 -11.07
C ILE A 19 12.43 -24.74 -12.55
N ARG A 20 11.55 -25.67 -12.95
CA ARG A 20 11.14 -25.74 -14.34
C ARG A 20 10.39 -24.47 -14.77
N LEU A 21 9.53 -23.94 -13.90
CA LEU A 21 8.83 -22.71 -14.23
C LEU A 21 9.80 -21.56 -14.43
N VAL A 22 10.80 -21.43 -13.56
CA VAL A 22 11.80 -20.37 -13.70
C VAL A 22 12.65 -20.54 -14.95
N LYS A 23 13.08 -21.76 -15.26
CA LYS A 23 13.85 -22.01 -16.48
C LYS A 23 13.01 -21.91 -17.74
N ARG A 24 11.69 -21.87 -17.62
CA ARG A 24 10.82 -21.67 -18.77
C ARG A 24 10.18 -20.29 -18.82
N CYS A 25 10.39 -19.43 -17.82
CA CYS A 25 9.84 -18.08 -17.86
C CYS A 25 10.63 -17.20 -18.82
N THR A 26 10.03 -16.06 -19.17
CA THR A 26 10.68 -15.08 -20.04
C THR A 26 11.36 -14.04 -19.18
N LYS A 27 12.60 -14.31 -18.79
CA LYS A 27 13.35 -13.40 -17.95
C LYS A 27 13.69 -12.13 -18.74
N PRO A 28 13.72 -10.97 -18.08
CA PRO A 28 14.07 -9.74 -18.79
C PRO A 28 15.51 -9.73 -19.25
N ASP A 29 15.74 -9.06 -20.37
CA ASP A 29 17.08 -8.83 -20.89
C ASP A 29 17.54 -7.43 -20.49
N ARG A 30 18.68 -7.01 -21.04
CA ARG A 30 19.24 -5.72 -20.67
C ARG A 30 18.31 -4.57 -21.04
N LYS A 31 17.75 -4.59 -22.25
CA LYS A 31 16.88 -3.52 -22.70
C LYS A 31 15.58 -3.44 -21.90
N GLU A 32 14.93 -4.59 -21.67
CA GLU A 32 13.70 -4.59 -20.89
C GLU A 32 13.96 -4.16 -19.46
N PHE A 33 15.05 -4.65 -18.86
CA PHE A 33 15.38 -4.23 -17.51
C PHE A 33 15.65 -2.74 -17.43
N GLN A 34 16.37 -2.19 -18.42
CA GLN A 34 16.62 -0.75 -18.43
C GLN A 34 15.31 0.03 -18.57
N LYS A 35 14.40 -0.42 -19.44
CA LYS A 35 13.14 0.27 -19.62
C LYS A 35 12.31 0.27 -18.34
N ILE A 36 12.20 -0.90 -17.70
CA ILE A 36 11.41 -1.00 -16.48
C ILE A 36 12.05 -0.20 -15.36
N ALA A 37 13.39 -0.23 -15.26
CA ALA A 37 14.07 0.55 -14.24
C ALA A 37 13.85 2.05 -14.44
N MET A 38 13.93 2.51 -15.70
CA MET A 38 13.67 3.92 -15.97
C MET A 38 12.25 4.31 -15.63
N ALA A 39 11.27 3.46 -15.99
CA ALA A 39 9.89 3.78 -15.69
C ALA A 39 9.63 3.81 -14.18
N THR A 40 10.19 2.85 -13.45
CA THR A 40 10.02 2.83 -12.00
C THR A 40 10.71 4.04 -11.36
N ALA A 41 11.89 4.40 -11.85
CA ALA A 41 12.58 5.58 -11.33
C ALA A 41 11.77 6.84 -11.58
N ILE A 42 11.18 6.97 -12.77
CA ILE A 42 10.35 8.12 -13.08
C ILE A 42 9.11 8.18 -12.18
N GLY A 43 8.43 7.06 -11.99
CA GLY A 43 7.25 7.05 -11.13
C GLY A 43 7.58 7.36 -9.68
N PHE A 44 8.67 6.75 -9.19
CA PHE A 44 9.12 7.02 -7.83
C PHE A 44 9.49 8.49 -7.66
N ALA A 45 10.23 9.04 -8.62
CA ALA A 45 10.59 10.45 -8.55
C ALA A 45 9.35 11.33 -8.51
N ILE A 46 8.40 11.09 -9.43
CA ILE A 46 7.18 11.89 -9.46
C ILE A 46 6.50 11.86 -8.10
N MET A 47 6.10 10.67 -7.65
CA MET A 47 5.32 10.57 -6.42
C MET A 47 6.09 11.08 -5.22
N GLY A 48 7.31 10.59 -5.01
CA GLY A 48 8.07 10.94 -3.83
C GLY A 48 8.42 12.41 -3.76
N PHE A 49 8.86 12.99 -4.89
CA PHE A 49 9.25 14.41 -4.86
C PHE A 49 8.05 15.33 -4.79
N ILE A 50 6.92 14.97 -5.41
CA ILE A 50 5.72 15.78 -5.23
C ILE A 50 5.29 15.75 -3.77
N GLY A 51 5.27 14.58 -3.15
CA GLY A 51 4.96 14.51 -1.73
C GLY A 51 5.96 15.25 -0.86
N PHE A 52 7.24 15.20 -1.23
CA PHE A 52 8.27 15.91 -0.47
C PHE A 52 8.07 17.42 -0.53
N PHE A 53 7.77 17.95 -1.72
CA PHE A 53 7.52 19.38 -1.84
C PHE A 53 6.25 19.78 -1.11
N VAL A 54 5.19 18.96 -1.20
CA VAL A 54 3.97 19.25 -0.45
C VAL A 54 4.18 19.23 1.05
N LYS A 55 4.99 18.30 1.56
CA LYS A 55 5.35 18.29 2.97
C LYS A 55 6.20 19.49 3.37
N LEU A 56 7.16 19.90 2.54
CA LEU A 56 7.94 21.10 2.80
C LEU A 56 7.10 22.36 2.86
N ILE A 57 6.12 22.50 1.96
CA ILE A 57 5.25 23.67 1.98
C ILE A 57 4.45 23.75 3.29
N HIS A 58 4.01 22.62 3.82
CA HIS A 58 3.06 22.59 4.93
C HIS A 58 3.71 22.48 6.30
N ILE A 59 5.04 22.49 6.38
CA ILE A 59 5.68 22.51 7.70
C ILE A 59 5.57 23.91 8.30
N PRO A 60 6.01 24.98 7.62
CA PRO A 60 5.77 26.31 8.20
C PRO A 60 4.30 26.62 8.39
N ILE A 61 3.44 26.17 7.48
CA ILE A 61 2.01 26.47 7.58
C ILE A 61 1.43 25.85 8.83
N ASN A 62 1.73 24.57 9.07
CA ASN A 62 1.26 23.91 10.28
C ASN A 62 1.91 24.48 11.53
N ASN A 63 3.14 24.99 11.44
CA ASN A 63 3.75 25.64 12.58
C ASN A 63 3.01 26.92 12.94
N ILE A 64 2.58 27.68 11.93
CA ILE A 64 1.83 28.91 12.20
C ILE A 64 0.44 28.59 12.73
N ILE A 65 -0.36 27.86 11.96
CA ILE A 65 -1.75 27.64 12.34
C ILE A 65 -1.85 26.79 13.61
N VAL A 66 -0.94 25.84 13.77
CA VAL A 66 -0.93 25.00 14.96
C VAL A 66 0.40 25.13 15.69
N GLY B 65 -29.84 9.11 -8.87
CA GLY B 65 -29.86 10.27 -8.01
C GLY B 65 -28.78 11.29 -8.35
N LEU B 66 -28.05 11.72 -7.32
CA LEU B 66 -26.98 12.69 -7.55
C LEU B 66 -25.83 12.06 -8.32
N LYS B 67 -25.42 12.72 -9.41
CA LYS B 67 -24.33 12.26 -10.26
C LYS B 67 -23.43 13.45 -10.57
N VAL B 68 -22.43 13.68 -9.71
CA VAL B 68 -21.50 14.77 -9.88
C VAL B 68 -20.41 14.36 -10.87
N GLY B 69 -19.66 15.34 -11.37
CA GLY B 69 -18.55 15.07 -12.26
C GLY B 69 -17.22 15.25 -11.56
N PRO B 70 -16.13 15.04 -12.30
CA PRO B 70 -14.80 15.24 -11.68
C PRO B 70 -14.56 16.66 -11.20
N VAL B 71 -15.05 17.66 -11.93
CA VAL B 71 -14.86 19.06 -11.57
C VAL B 71 -15.58 19.39 -10.26
N PRO B 72 -16.84 19.01 -10.06
CA PRO B 72 -17.44 19.21 -8.73
C PRO B 72 -16.70 18.49 -7.61
N VAL B 73 -16.15 17.31 -7.88
CA VAL B 73 -15.38 16.60 -6.86
C VAL B 73 -14.13 17.39 -6.49
N LEU B 74 -13.42 17.90 -7.49
CA LEU B 74 -12.24 18.73 -7.22
C LEU B 74 -12.62 19.99 -6.45
N VAL B 75 -13.73 20.62 -6.83
CA VAL B 75 -14.17 21.83 -6.14
C VAL B 75 -14.49 21.53 -4.67
N MET B 76 -15.21 20.44 -4.42
CA MET B 76 -15.53 20.08 -3.04
C MET B 76 -14.29 19.73 -2.24
N SER B 77 -13.35 19.01 -2.86
CA SER B 77 -12.09 18.68 -2.18
C SER B 77 -11.28 19.91 -1.82
N LEU B 78 -11.22 20.90 -2.72
CA LEU B 78 -10.55 22.15 -2.42
C LEU B 78 -11.28 23.00 -1.38
N LEU B 79 -12.60 23.06 -1.43
CA LEU B 79 -13.39 23.82 -0.46
C LEU B 79 -13.33 23.22 0.93
N PHE B 80 -13.29 21.89 1.07
CA PHE B 80 -13.10 21.27 2.38
C PHE B 80 -11.75 21.62 2.99
N ILE B 81 -10.69 21.58 2.18
CA ILE B 81 -9.37 21.98 2.64
C ILE B 81 -9.39 23.45 3.07
N ALA B 82 -9.99 24.31 2.25
CA ALA B 82 -10.08 25.72 2.58
C ALA B 82 -10.86 25.95 3.86
N SER B 83 -11.96 25.22 4.05
CA SER B 83 -12.74 25.35 5.28
C SER B 83 -11.94 24.92 6.50
N VAL B 84 -11.16 23.85 6.37
CA VAL B 84 -10.30 23.43 7.48
C VAL B 84 -9.30 24.52 7.82
N PHE B 85 -8.69 25.13 6.80
CA PHE B 85 -7.78 26.24 7.05
C PHE B 85 -8.49 27.42 7.71
N MET B 86 -9.70 27.75 7.27
CA MET B 86 -10.42 28.85 7.91
C MET B 86 -10.73 28.54 9.36
N LEU B 87 -11.10 27.31 9.67
CA LEU B 87 -11.32 26.93 11.07
C LEU B 87 -10.05 27.08 11.88
N HIS B 88 -8.92 26.60 11.35
CA HIS B 88 -7.65 26.69 12.08
C HIS B 88 -7.24 28.15 12.31
N ILE B 89 -7.36 28.98 11.27
CA ILE B 89 -7.03 30.39 11.37
C ILE B 89 -7.96 31.13 12.34
N TRP B 90 -9.26 30.85 12.30
CA TRP B 90 -10.19 31.45 13.24
C TRP B 90 -9.83 31.08 14.67
N GLY B 91 -9.53 29.79 14.91
CA GLY B 91 -9.10 29.39 16.23
C GLY B 91 -7.83 30.08 16.68
N LYS B 92 -6.87 30.22 15.77
CA LYS B 92 -5.59 30.81 16.13
C LYS B 92 -5.74 32.29 16.48
N TYR B 93 -6.52 33.03 15.68
CA TYR B 93 -6.71 34.45 15.96
C TYR B 93 -7.84 34.75 16.93
N THR B 94 -8.55 33.72 17.42
CA THR B 94 -9.51 33.91 18.49
C THR B 94 -8.96 33.53 19.85
N ARG B 95 -8.14 32.49 19.93
CA ARG B 95 -7.53 32.08 21.20
C ARG B 95 -6.67 33.18 21.79
N LEU C 6 -31.20 -4.93 -0.81
CA LEU C 6 -30.98 -3.85 -1.77
C LEU C 6 -32.26 -3.09 -2.05
N GLU C 7 -33.35 -3.48 -1.37
CA GLU C 7 -34.63 -2.81 -1.52
C GLU C 7 -35.08 -2.06 -0.28
N VAL C 8 -34.84 -2.60 0.91
CA VAL C 8 -35.20 -1.90 2.14
C VAL C 8 -34.30 -0.69 2.34
N ILE C 9 -32.99 -0.86 2.10
CA ILE C 9 -32.02 0.21 2.28
C ILE C 9 -31.91 1.09 1.04
N LYS C 10 -32.58 0.73 -0.06
CA LYS C 10 -32.53 1.45 -1.33
C LYS C 10 -32.82 2.95 -1.18
N PRO C 11 -33.80 3.36 -0.34
CA PRO C 11 -34.01 4.80 -0.13
C PRO C 11 -32.74 5.53 0.30
N PHE C 12 -31.93 4.87 1.12
CA PHE C 12 -30.70 5.47 1.66
C PHE C 12 -29.51 5.29 0.75
N CYS C 13 -29.65 4.59 -0.37
CA CYS C 13 -28.54 4.27 -1.26
C CYS C 13 -28.48 5.17 -2.49
N VAL C 14 -29.25 6.26 -2.51
CA VAL C 14 -29.35 7.09 -3.71
C VAL C 14 -28.91 8.52 -3.40
N ILE C 15 -29.02 8.93 -2.13
CA ILE C 15 -28.75 10.31 -1.77
C ILE C 15 -27.27 10.65 -1.92
N LEU C 16 -26.40 9.67 -1.70
CA LEU C 16 -24.97 9.93 -1.75
C LEU C 16 -24.54 10.25 -3.19
N PRO C 17 -23.51 11.08 -3.35
CA PRO C 17 -23.08 11.46 -4.71
C PRO C 17 -22.50 10.27 -5.46
N GLU C 18 -22.44 10.42 -6.78
CA GLU C 18 -21.88 9.38 -7.64
C GLU C 18 -21.14 10.07 -8.79
N ILE C 19 -20.31 9.28 -9.48
CA ILE C 19 -19.47 9.77 -10.57
C ILE C 19 -20.06 9.30 -11.88
N GLN C 20 -20.21 10.21 -12.82
CA GLN C 20 -20.72 9.89 -14.15
C GLN C 20 -19.61 9.25 -14.99
N LYS C 21 -19.94 8.12 -15.63
CA LYS C 21 -19.01 7.51 -16.57
C LYS C 21 -18.81 8.44 -17.76
N PRO C 22 -17.56 8.66 -18.17
CA PRO C 22 -17.30 9.59 -19.28
C PRO C 22 -17.97 9.13 -20.57
N GLU C 23 -18.50 10.08 -21.33
CA GLU C 23 -19.18 9.75 -22.58
C GLU C 23 -18.21 9.22 -23.62
N ARG C 24 -17.01 9.80 -23.68
CA ARG C 24 -16.01 9.41 -24.66
C ARG C 24 -14.75 8.96 -23.94
N LYS C 25 -13.96 8.13 -24.61
CA LYS C 25 -12.73 7.62 -24.02
C LYS C 25 -11.78 8.77 -23.73
N ILE C 26 -11.37 8.87 -22.47
CA ILE C 26 -10.50 9.95 -22.03
C ILE C 26 -9.08 9.71 -22.51
N GLN C 27 -8.48 10.72 -23.12
CA GLN C 27 -7.12 10.59 -23.64
C GLN C 27 -6.13 10.42 -22.49
N PHE C 28 -4.93 9.94 -22.85
CA PHE C 28 -3.91 9.64 -21.85
C PHE C 28 -3.30 10.89 -21.26
N LYS C 29 -3.69 12.06 -21.76
CA LYS C 29 -3.29 13.32 -21.15
C LYS C 29 -4.21 13.75 -20.02
N GLU C 30 -5.51 13.78 -20.24
CA GLU C 30 -6.47 14.11 -19.20
C GLU C 30 -6.51 13.07 -18.09
N LYS C 31 -6.27 11.80 -18.40
CA LYS C 31 -6.20 10.77 -17.37
C LYS C 31 -5.02 10.99 -16.42
N VAL C 32 -3.84 11.29 -16.96
CA VAL C 32 -2.70 11.62 -16.12
C VAL C 32 -2.95 12.92 -15.37
N LEU C 33 -3.63 13.89 -16.00
CA LEU C 33 -3.96 15.13 -15.33
C LEU C 33 -4.85 14.88 -14.11
N TRP C 34 -5.88 14.05 -14.27
CA TRP C 34 -6.77 13.75 -13.15
C TRP C 34 -6.08 12.90 -12.09
N THR C 35 -5.19 11.99 -12.50
CA THR C 35 -4.41 11.24 -11.52
C THR C 35 -3.52 12.16 -10.70
N ALA C 36 -2.89 13.13 -11.36
CA ALA C 36 -2.06 14.10 -10.64
C ALA C 36 -2.90 14.98 -9.71
N ILE C 37 -4.09 15.39 -10.14
CA ILE C 37 -4.96 16.16 -9.26
C ILE C 37 -5.37 15.35 -8.05
N THR C 38 -5.76 14.09 -8.25
CA THR C 38 -6.12 13.23 -7.12
C THR C 38 -4.95 13.04 -6.17
N LEU C 39 -3.75 12.82 -6.71
CA LEU C 39 -2.57 12.66 -5.89
C LEU C 39 -2.26 13.92 -5.10
N PHE C 40 -2.38 15.09 -5.73
CA PHE C 40 -2.12 16.35 -5.05
C PHE C 40 -3.12 16.58 -3.93
N ILE C 41 -4.41 16.28 -4.18
CA ILE C 41 -5.42 16.42 -3.14
C ILE C 41 -5.12 15.48 -1.98
N PHE C 42 -4.76 14.22 -2.29
CA PHE C 42 -4.40 13.27 -1.25
C PHE C 42 -3.24 13.80 -0.40
N LEU C 43 -2.19 14.28 -1.04
CA LEU C 43 -1.02 14.74 -0.28
C LEU C 43 -1.36 15.97 0.56
N VAL C 44 -2.06 16.94 -0.02
CA VAL C 44 -2.39 18.15 0.72
C VAL C 44 -3.26 17.82 1.92
N CYS C 45 -4.28 16.95 1.74
CA CYS C 45 -5.07 16.53 2.89
C CYS C 45 -4.24 15.75 3.90
N CYS C 46 -3.24 14.99 3.43
CA CYS C 46 -2.35 14.27 4.34
C CYS C 46 -1.50 15.21 5.19
N GLN C 47 -1.20 16.42 4.69
CA GLN C 47 -0.39 17.36 5.44
C GLN C 47 -1.18 18.38 6.25
N ILE C 48 -2.50 18.31 6.23
CA ILE C 48 -3.35 19.30 6.91
C ILE C 48 -3.84 18.68 8.22
N PRO C 49 -3.51 19.25 9.38
CA PRO C 49 -3.96 18.66 10.64
C PRO C 49 -5.46 18.83 10.84
N LEU C 50 -6.03 17.94 11.63
CA LEU C 50 -7.43 18.03 12.01
C LEU C 50 -7.65 19.21 12.96
N PHE C 51 -8.91 19.61 13.09
CA PHE C 51 -9.30 20.69 13.99
C PHE C 51 -9.93 20.09 15.24
N GLY C 52 -9.48 20.56 16.40
CA GLY C 52 -9.96 20.07 17.68
C GLY C 52 -8.98 19.18 18.42
N ILE C 53 -7.85 18.85 17.79
CA ILE C 53 -6.83 18.02 18.42
C ILE C 53 -6.25 18.77 19.63
N MET C 54 -6.19 18.08 20.77
CA MET C 54 -5.63 18.70 21.97
C MET C 54 -4.12 18.50 22.03
N SER C 55 -3.67 17.24 21.93
CA SER C 55 -2.23 16.95 22.04
C SER C 55 -1.97 15.63 21.30
N SER C 56 -1.21 15.73 20.21
CA SER C 56 -0.77 14.54 19.48
C SER C 56 0.60 14.09 20.00
N ASP C 57 0.66 13.91 21.32
CA ASP C 57 1.89 13.51 22.00
C ASP C 57 1.86 12.06 22.47
N SER C 58 0.72 11.39 22.38
CA SER C 58 0.62 10.00 22.78
C SER C 58 1.18 9.10 21.70
N ALA C 59 1.68 7.94 22.08
CA ALA C 59 2.14 6.96 21.11
C ALA C 59 0.98 6.55 20.20
N ASP C 60 1.26 6.45 18.90
CA ASP C 60 0.21 6.19 17.94
C ASP C 60 -0.35 4.78 18.15
N PRO C 61 -1.64 4.64 18.45
CA PRO C 61 -2.22 3.29 18.55
C PRO C 61 -2.17 2.51 17.24
N PHE C 62 -2.30 3.20 16.11
CA PHE C 62 -2.37 2.56 14.80
C PHE C 62 -1.15 2.89 13.96
N TYR C 63 0.02 2.99 14.60
CA TYR C 63 1.25 3.29 13.88
C TYR C 63 1.57 2.21 12.87
N TRP C 64 1.19 0.98 13.18
CA TRP C 64 1.57 -0.13 12.33
C TRP C 64 0.77 -0.21 11.06
N MET C 65 -0.43 0.33 11.05
CA MET C 65 -1.28 0.24 9.88
C MET C 65 -1.30 1.53 9.09
N ARG C 66 -0.41 2.44 9.41
CA ARG C 66 -0.37 3.71 8.74
C ARG C 66 0.23 3.57 7.38
N VAL C 67 0.92 2.48 7.13
CA VAL C 67 1.56 2.25 5.84
C VAL C 67 0.64 1.56 4.87
N ILE C 68 -0.02 0.51 5.34
CA ILE C 68 -0.91 -0.24 4.49
C ILE C 68 -2.13 0.59 4.24
N LEU C 69 -2.55 1.39 5.21
CA LEU C 69 -3.78 2.15 5.04
C LEU C 69 -3.54 3.53 4.44
N ALA C 70 -2.30 3.86 4.09
CA ALA C 70 -1.95 5.17 3.52
C ALA C 70 -2.40 6.31 4.44
N SER C 71 -2.32 6.09 5.74
CA SER C 71 -2.78 7.04 6.73
C SER C 71 -1.67 8.00 7.14
N ASN C 72 -2.07 9.10 7.79
CA ASN C 72 -1.14 10.06 8.37
C ASN C 72 -1.77 10.58 9.65
N ARG C 73 -1.09 10.35 10.78
CA ARG C 73 -1.69 10.63 12.08
C ARG C 73 -1.94 12.11 12.28
N GLY C 74 -3.06 12.43 12.91
CA GLY C 74 -3.34 13.80 13.31
C GLY C 74 -3.71 14.72 12.17
N THR C 75 -4.04 14.18 11.01
CA THR C 75 -4.34 14.97 9.83
C THR C 75 -5.69 14.56 9.26
N LEU C 76 -6.11 15.27 8.20
CA LEU C 76 -7.37 14.95 7.55
C LEU C 76 -7.39 13.54 6.99
N MET C 77 -6.25 13.04 6.52
CA MET C 77 -6.18 11.69 5.96
C MET C 77 -5.71 10.72 7.03
N GLU C 78 -6.42 10.76 8.16
CA GLU C 78 -6.14 9.86 9.27
C GLU C 78 -6.55 8.42 8.98
N LEU C 79 -7.66 8.23 8.28
CA LEU C 79 -8.12 6.89 7.92
C LEU C 79 -7.52 6.41 6.61
N GLY C 80 -6.96 7.30 5.81
CA GLY C 80 -6.28 6.89 4.59
C GLY C 80 -7.25 6.28 3.59
N ILE C 81 -7.02 5.01 3.25
CA ILE C 81 -7.81 4.32 2.24
C ILE C 81 -8.80 3.39 2.91
N SER C 82 -9.05 3.62 4.19
CA SER C 82 -10.00 2.81 4.95
C SER C 82 -11.40 2.87 4.36
N PRO C 83 -11.93 4.03 3.94
CA PRO C 83 -13.26 4.02 3.30
C PRO C 83 -13.32 3.15 2.06
N ILE C 84 -12.25 3.11 1.26
CA ILE C 84 -12.25 2.25 0.09
C ILE C 84 -12.17 0.78 0.46
N VAL C 85 -11.27 0.42 1.38
CA VAL C 85 -11.03 -0.97 1.73
C VAL C 85 -12.21 -1.59 2.46
N THR C 86 -12.73 -0.88 3.47
CA THR C 86 -13.78 -1.46 4.31
C THR C 86 -15.09 -1.62 3.54
N SER C 87 -15.40 -0.70 2.62
CA SER C 87 -16.61 -0.84 1.82
C SER C 87 -16.56 -2.10 0.98
N GLY C 88 -15.45 -2.31 0.27
CA GLY C 88 -15.31 -3.53 -0.52
C GLY C 88 -15.33 -4.77 0.34
N LEU C 89 -14.66 -4.73 1.49
CA LEU C 89 -14.62 -5.90 2.36
C LEU C 89 -16.01 -6.25 2.87
N ILE C 90 -16.78 -5.25 3.31
CA ILE C 90 -18.12 -5.54 3.84
C ILE C 90 -19.04 -5.99 2.72
N MET C 91 -18.89 -5.44 1.51
CA MET C 91 -19.69 -5.91 0.40
C MET C 91 -19.41 -7.38 0.09
N GLN C 92 -18.13 -7.75 0.04
CA GLN C 92 -17.78 -9.14 -0.22
C GLN C 92 -18.26 -10.06 0.91
N LEU C 93 -18.14 -9.60 2.16
CA LEU C 93 -18.60 -10.42 3.28
C LEU C 93 -20.10 -10.64 3.23
N LEU C 94 -20.87 -9.59 2.91
CA LEU C 94 -22.31 -9.74 2.82
C LEU C 94 -22.70 -10.62 1.64
N ALA C 95 -22.00 -10.49 0.51
CA ALA C 95 -22.30 -11.32 -0.65
C ALA C 95 -22.00 -12.79 -0.37
N GLY C 96 -20.86 -13.07 0.27
CA GLY C 96 -20.50 -14.45 0.56
C GLY C 96 -21.43 -15.09 1.58
N ALA C 97 -21.83 -14.32 2.59
CA ALA C 97 -22.72 -14.82 3.62
C ALA C 97 -24.16 -14.97 3.15
N LYS C 98 -24.43 -14.70 1.87
CA LYS C 98 -25.74 -14.81 1.22
C LYS C 98 -26.74 -13.81 1.77
N ILE C 99 -26.28 -12.80 2.54
CA ILE C 99 -27.18 -11.77 3.02
C ILE C 99 -27.66 -10.89 1.87
N ILE C 100 -26.76 -10.60 0.92
CA ILE C 100 -27.08 -9.73 -0.20
C ILE C 100 -26.72 -10.46 -1.49
N GLU C 101 -27.31 -10.06 -2.60
CA GLU C 101 -27.00 -10.65 -3.90
C GLU C 101 -26.28 -9.67 -4.80
N LYS C 107 -29.77 -3.25 -13.62
CA LYS C 107 -29.82 -2.07 -12.75
C LYS C 107 -29.38 -2.44 -11.32
N ASP C 108 -29.21 -3.73 -11.07
CA ASP C 108 -28.75 -4.17 -9.75
C ASP C 108 -27.34 -3.69 -9.45
N ARG C 109 -26.54 -3.46 -10.49
CA ARG C 109 -25.19 -2.94 -10.29
C ARG C 109 -25.22 -1.56 -9.66
N ALA C 110 -26.15 -0.71 -10.07
CA ALA C 110 -26.27 0.62 -9.46
C ALA C 110 -26.63 0.51 -7.98
N LEU C 111 -27.56 -0.37 -7.63
CA LEU C 111 -27.92 -0.57 -6.23
C LEU C 111 -26.74 -1.08 -5.43
N PHE C 112 -25.99 -2.03 -6.00
CA PHE C 112 -24.81 -2.56 -5.31
C PHE C 112 -23.76 -1.48 -5.09
N ASN C 113 -23.49 -0.67 -6.10
CA ASN C 113 -22.48 0.39 -6.01
C ASN C 113 -22.96 1.58 -5.20
N GLY C 114 -24.25 1.68 -4.92
CA GLY C 114 -24.75 2.69 -4.02
C GLY C 114 -24.68 2.24 -2.57
N ALA C 115 -25.12 1.01 -2.33
CA ALA C 115 -25.02 0.42 -0.99
C ALA C 115 -23.57 0.25 -0.56
N GLN C 116 -22.65 -0.01 -1.49
CA GLN C 116 -21.24 -0.11 -1.14
C GLN C 116 -20.74 1.20 -0.54
N LYS C 117 -21.00 2.32 -1.19
CA LYS C 117 -20.59 3.62 -0.69
C LYS C 117 -21.38 4.05 0.54
N LEU C 118 -22.64 3.66 0.66
CA LEU C 118 -23.42 3.95 1.86
C LEU C 118 -22.90 3.22 3.08
N PHE C 119 -22.49 1.96 2.94
CA PHE C 119 -21.91 1.20 4.04
C PHE C 119 -20.46 1.57 4.33
N GLY C 120 -19.67 1.92 3.31
CA GLY C 120 -18.32 2.38 3.51
C GLY C 120 -18.21 3.74 4.14
N MET C 121 -19.32 4.44 4.34
CA MET C 121 -19.35 5.67 5.11
C MET C 121 -19.85 5.46 6.52
N ILE C 122 -20.77 4.51 6.73
CA ILE C 122 -21.11 4.11 8.09
C ILE C 122 -19.90 3.49 8.78
N ILE C 123 -19.15 2.67 8.05
CA ILE C 123 -17.92 2.10 8.61
C ILE C 123 -16.89 3.20 8.85
N THR C 124 -16.84 4.20 7.96
CA THR C 124 -15.94 5.35 8.16
C THR C 124 -16.29 6.17 9.39
N ILE C 125 -17.57 6.36 9.67
CA ILE C 125 -18.00 7.00 10.91
C ILE C 125 -17.69 6.15 12.14
N GLY C 126 -17.92 4.85 12.10
CA GLY C 126 -17.56 4.00 13.22
C GLY C 126 -16.07 4.01 13.49
N GLN C 127 -15.28 4.02 12.42
CA GLN C 127 -13.84 4.13 12.56
C GLN C 127 -13.42 5.47 13.13
N SER C 128 -14.08 6.55 12.73
CA SER C 128 -13.81 7.88 13.27
C SER C 128 -14.24 8.02 14.72
N ILE C 129 -15.08 7.11 15.22
CA ILE C 129 -15.40 7.05 16.65
C ILE C 129 -14.44 6.18 17.42
N VAL C 130 -14.04 5.03 16.88
CA VAL C 130 -13.00 4.20 17.50
C VAL C 130 -11.66 4.92 17.58
N TYR C 131 -11.30 5.72 16.59
CA TYR C 131 -10.04 6.45 16.58
C TYR C 131 -9.96 7.54 17.65
N VAL C 132 -11.11 8.05 18.11
CA VAL C 132 -11.10 9.12 19.12
C VAL C 132 -11.11 8.58 20.54
N MET C 133 -11.87 7.53 20.83
CA MET C 133 -11.90 6.98 22.18
C MET C 133 -10.57 6.35 22.58
N THR C 134 -9.67 6.12 21.62
CA THR C 134 -8.34 5.62 21.95
C THR C 134 -7.53 6.65 22.72
N GLY C 135 -7.95 7.91 22.72
CA GLY C 135 -7.24 8.94 23.46
C GLY C 135 -6.01 9.48 22.77
N MET C 136 -5.81 9.16 21.49
CA MET C 136 -4.65 9.66 20.77
C MET C 136 -4.78 11.15 20.47
N TYR C 137 -6.01 11.67 20.46
CA TYR C 137 -6.25 13.09 20.32
C TYR C 137 -6.51 13.80 21.64
N GLY C 138 -6.33 13.10 22.75
CA GLY C 138 -6.65 13.67 24.05
C GLY C 138 -7.85 12.99 24.66
N ASP C 139 -8.11 13.23 25.94
CA ASP C 139 -9.25 12.61 26.59
C ASP C 139 -10.54 13.14 25.97
N PRO C 140 -11.41 12.28 25.46
CA PRO C 140 -12.66 12.76 24.87
C PRO C 140 -13.53 13.56 25.83
N SER C 141 -13.47 13.24 27.14
CA SER C 141 -14.22 14.02 28.11
C SER C 141 -13.75 15.46 28.15
N GLU C 142 -12.43 15.67 28.11
CA GLU C 142 -11.89 17.03 28.09
C GLU C 142 -12.17 17.70 26.74
N MET C 143 -12.09 16.94 25.64
CA MET C 143 -12.34 17.51 24.33
C MET C 143 -13.78 18.00 24.21
N GLY C 144 -14.73 17.22 24.71
CA GLY C 144 -16.13 17.61 24.65
C GLY C 144 -16.86 17.02 23.46
N ALA C 145 -18.18 16.97 23.60
CA ALA C 145 -19.03 16.40 22.57
C ALA C 145 -18.94 17.21 21.28
N GLY C 146 -18.90 18.53 21.39
CA GLY C 146 -18.81 19.36 20.19
C GLY C 146 -17.52 19.12 19.41
N ILE C 147 -16.39 19.08 20.12
CA ILE C 147 -15.12 18.86 19.45
C ILE C 147 -15.04 17.45 18.87
N CYS C 148 -15.52 16.45 19.60
CA CYS C 148 -15.53 15.09 19.06
C CYS C 148 -16.40 15.00 17.82
N LEU C 149 -17.57 15.65 17.84
CA LEU C 149 -18.45 15.63 16.67
C LEU C 149 -17.81 16.36 15.50
N LEU C 150 -17.11 17.47 15.75
CA LEU C 150 -16.44 18.18 14.68
C LEU C 150 -15.33 17.34 14.05
N ILE C 151 -14.54 16.64 14.87
CA ILE C 151 -13.54 15.72 14.34
C ILE C 151 -14.19 14.62 13.52
N THR C 152 -15.29 14.05 14.03
CA THR C 152 -15.99 13.01 13.29
C THR C 152 -16.51 13.51 11.95
N ILE C 153 -17.04 14.73 11.91
CA ILE C 153 -17.53 15.31 10.67
C ILE C 153 -16.38 15.55 9.69
N GLN C 154 -15.24 16.06 10.19
CA GLN C 154 -14.09 16.25 9.31
C GLN C 154 -13.63 14.92 8.71
N LEU C 155 -13.56 13.88 9.53
CA LEU C 155 -13.16 12.56 9.04
C LEU C 155 -14.19 11.96 8.09
N PHE C 156 -15.48 12.20 8.33
CA PHE C 156 -16.53 11.75 7.43
C PHE C 156 -16.38 12.41 6.06
N VAL C 157 -16.19 13.73 6.03
CA VAL C 157 -16.02 14.42 4.76
C VAL C 157 -14.74 13.97 4.07
N ALA C 158 -13.68 13.74 4.83
CA ALA C 158 -12.44 13.22 4.24
C ALA C 158 -12.65 11.85 3.62
N GLY C 159 -13.37 10.96 4.30
CA GLY C 159 -13.66 9.66 3.73
C GLY C 159 -14.53 9.74 2.49
N LEU C 160 -15.50 10.65 2.49
CA LEU C 160 -16.31 10.87 1.30
C LEU C 160 -15.44 11.34 0.14
N ILE C 161 -14.50 12.24 0.41
CA ILE C 161 -13.57 12.71 -0.61
C ILE C 161 -12.69 11.54 -1.10
N VAL C 162 -12.29 10.66 -0.18
CA VAL C 162 -11.48 9.51 -0.57
C VAL C 162 -12.25 8.62 -1.53
N LEU C 163 -13.52 8.33 -1.20
CA LEU C 163 -14.35 7.50 -2.07
C LEU C 163 -14.57 8.16 -3.41
N LEU C 164 -14.81 9.48 -3.42
CA LEU C 164 -15.03 10.19 -4.67
C LEU C 164 -13.79 10.17 -5.54
N LEU C 165 -12.61 10.36 -4.94
CA LEU C 165 -11.37 10.31 -5.72
C LEU C 165 -11.10 8.91 -6.25
N ASP C 166 -11.38 7.88 -5.45
CA ASP C 166 -11.21 6.51 -5.93
C ASP C 166 -12.11 6.22 -7.12
N GLU C 167 -13.38 6.66 -7.04
CA GLU C 167 -14.28 6.48 -8.17
C GLU C 167 -13.85 7.31 -9.36
N LEU C 168 -13.30 8.49 -9.11
CA LEU C 168 -12.77 9.31 -10.20
C LEU C 168 -11.65 8.58 -10.93
N LEU C 169 -10.76 7.95 -10.17
CA LEU C 169 -9.67 7.18 -10.78
C LEU C 169 -10.16 5.91 -11.46
N GLN C 170 -11.22 5.27 -10.97
CA GLN C 170 -11.64 3.98 -11.48
C GLN C 170 -12.65 4.03 -12.63
N LYS C 171 -13.54 5.01 -12.65
CA LYS C 171 -14.55 5.08 -13.71
C LYS C 171 -13.97 5.44 -15.07
N GLY C 172 -12.71 5.88 -15.13
CA GLY C 172 -12.09 6.15 -16.41
C GLY C 172 -11.39 7.48 -16.49
N TYR C 173 -11.59 8.34 -15.50
CA TYR C 173 -10.98 9.65 -15.49
C TYR C 173 -9.49 9.62 -15.13
N GLY C 174 -9.02 8.52 -14.53
CA GLY C 174 -7.63 8.46 -14.11
C GLY C 174 -7.07 7.07 -14.27
N LEU C 175 -5.81 6.94 -13.91
CA LEU C 175 -5.07 5.68 -14.05
C LEU C 175 -5.06 4.93 -12.74
N GLY C 176 -5.36 3.64 -12.78
CA GLY C 176 -5.26 2.79 -11.61
C GLY C 176 -6.38 3.00 -10.61
N SER C 177 -6.05 2.86 -9.32
CA SER C 177 -7.03 2.98 -8.25
C SER C 177 -6.41 3.78 -7.11
N GLY C 178 -7.29 4.24 -6.22
CA GLY C 178 -6.85 5.00 -5.06
C GLY C 178 -5.99 4.19 -4.10
N ILE C 179 -6.37 2.92 -3.88
CA ILE C 179 -5.66 2.07 -2.95
C ILE C 179 -4.20 1.91 -3.36
N SER C 180 -3.92 1.64 -4.63
CA SER C 180 -2.56 1.51 -5.11
C SER C 180 -1.81 2.83 -5.12
N LEU C 181 -2.43 3.89 -5.65
CA LEU C 181 -1.75 5.16 -5.79
C LEU C 181 -1.37 5.75 -4.45
N PHE C 182 -2.30 5.78 -3.49
CA PHE C 182 -2.01 6.40 -2.20
C PHE C 182 -0.97 5.60 -1.41
N ILE C 183 -1.09 4.27 -1.42
CA ILE C 183 -0.12 3.42 -0.75
C ILE C 183 1.28 3.57 -1.33
N ALA C 184 1.42 3.59 -2.66
CA ALA C 184 2.71 3.83 -3.28
C ALA C 184 3.24 5.23 -2.99
N THR C 185 2.35 6.23 -2.97
CA THR C 185 2.79 7.59 -2.71
C THR C 185 3.35 7.76 -1.30
N ASN C 186 2.67 7.22 -0.29
CA ASN C 186 3.16 7.36 1.07
C ASN C 186 4.46 6.61 1.33
N ILE C 187 4.83 5.69 0.45
CA ILE C 187 6.12 5.01 0.59
C ILE C 187 7.21 5.72 -0.19
N CYS C 188 6.92 6.15 -1.43
CA CYS C 188 7.89 6.92 -2.19
C CYS C 188 8.23 8.23 -1.49
N GLU C 189 7.20 8.91 -0.95
CA GLU C 189 7.45 10.13 -0.20
C GLU C 189 8.26 9.87 1.06
N THR C 190 8.01 8.75 1.74
CA THR C 190 8.79 8.42 2.92
C THR C 190 10.25 8.20 2.58
N ILE C 191 10.52 7.48 1.48
CA ILE C 191 11.90 7.26 1.06
C ILE C 191 12.58 8.58 0.69
N VAL C 192 11.90 9.42 -0.11
CA VAL C 192 12.46 10.71 -0.50
C VAL C 192 12.67 11.64 0.68
N TRP C 193 11.79 11.62 1.68
CA TRP C 193 11.98 12.38 2.90
C TRP C 193 13.13 11.88 3.75
N LYS C 194 13.29 10.57 3.90
CA LYS C 194 14.44 10.03 4.61
C LYS C 194 15.74 10.23 3.85
N ALA C 195 15.67 10.54 2.56
CA ALA C 195 16.86 10.89 1.79
C ALA C 195 17.19 12.38 1.86
N PHE C 196 16.18 13.25 1.76
CA PHE C 196 16.41 14.69 1.70
C PHE C 196 15.71 15.44 2.82
N SER C 197 15.79 14.95 4.04
CA SER C 197 15.06 15.62 5.12
C SER C 197 15.77 16.90 5.53
N PRO C 198 15.09 18.04 5.53
CA PRO C 198 15.69 19.26 6.11
C PRO C 198 15.77 19.22 7.62
N THR C 199 15.08 18.29 8.27
CA THR C 199 15.10 18.21 9.72
C THR C 199 16.51 17.91 10.22
N THR C 200 16.91 18.61 11.27
CA THR C 200 18.25 18.48 11.86
C THR C 200 18.11 18.07 13.32
N VAL C 201 18.40 16.80 13.61
CA VAL C 201 18.34 16.29 14.97
C VAL C 201 19.65 16.66 15.68
N ASN C 202 19.61 17.70 16.49
CA ASN C 202 20.80 18.16 17.20
C ASN C 202 21.13 17.19 18.34
N THR C 203 22.41 17.18 18.73
CA THR C 203 22.89 16.35 19.82
C THR C 203 24.21 16.89 20.34
N GLY C 204 24.90 16.11 21.17
CA GLY C 204 26.19 16.55 21.69
C GLY C 204 27.23 16.74 20.61
N ARG C 205 27.19 15.91 19.57
CA ARG C 205 28.17 15.99 18.50
C ARG C 205 28.07 17.31 17.75
N GLY C 206 26.86 17.76 17.48
CA GLY C 206 26.63 18.99 16.75
C GLY C 206 25.38 18.90 15.89
N MET C 207 25.36 19.68 14.82
CA MET C 207 24.22 19.72 13.92
C MET C 207 24.41 18.73 12.78
N GLU C 208 23.44 17.82 12.61
CA GLU C 208 23.44 16.90 11.48
C GLU C 208 22.01 16.76 10.96
N PHE C 209 21.87 16.75 9.64
CA PHE C 209 20.57 16.63 9.01
C PHE C 209 20.04 15.20 9.12
N GLU C 210 18.71 15.07 9.11
CA GLU C 210 18.06 13.77 9.15
C GLU C 210 18.00 13.12 7.77
N GLY C 211 18.30 13.85 6.71
CA GLY C 211 18.35 13.29 5.36
C GLY C 211 19.77 12.86 5.02
N ALA C 212 19.88 11.66 4.43
CA ALA C 212 21.19 11.06 4.22
C ALA C 212 22.06 11.89 3.30
N ILE C 213 21.50 12.34 2.17
CA ILE C 213 22.28 13.09 1.19
C ILE C 213 22.62 14.48 1.72
N ILE C 214 21.64 15.14 2.34
CA ILE C 214 21.89 16.47 2.92
C ILE C 214 22.92 16.38 4.03
N ALA C 215 22.83 15.34 4.87
CA ALA C 215 23.84 15.09 5.88
C ALA C 215 25.21 14.80 5.28
N LEU C 216 25.27 14.07 4.17
CA LEU C 216 26.54 13.85 3.48
C LEU C 216 27.17 15.17 3.07
N PHE C 217 26.40 16.05 2.44
CA PHE C 217 26.93 17.35 2.04
C PHE C 217 27.36 18.17 3.25
N HIS C 218 26.52 18.19 4.29
CA HIS C 218 26.85 18.98 5.48
C HIS C 218 28.12 18.48 6.16
N LEU C 219 28.31 17.16 6.25
CA LEU C 219 29.50 16.58 6.85
C LEU C 219 30.75 16.78 5.99
N LEU C 220 30.62 16.65 4.66
CA LEU C 220 31.75 16.93 3.78
C LEU C 220 32.12 18.40 3.77
N ALA C 221 31.20 19.29 4.12
CA ALA C 221 31.50 20.72 4.18
C ALA C 221 32.06 21.17 5.52
N THR C 222 31.45 20.74 6.63
CA THR C 222 31.76 21.31 7.93
C THR C 222 32.80 20.54 8.72
N ARG C 223 33.21 19.36 8.26
CA ARG C 223 34.15 18.52 9.01
C ARG C 223 35.50 18.47 8.30
N THR C 224 36.56 18.63 9.09
CA THR C 224 37.91 18.61 8.54
C THR C 224 38.30 17.20 8.08
N ASP C 225 38.06 16.21 8.93
CA ASP C 225 38.39 14.82 8.63
C ASP C 225 37.38 14.25 7.62
N LYS C 226 37.70 14.41 6.34
CA LYS C 226 36.75 14.04 5.28
C LYS C 226 36.48 12.55 5.26
N VAL C 227 37.51 11.72 5.52
CA VAL C 227 37.30 10.29 5.53
C VAL C 227 36.37 9.86 6.65
N ARG C 228 36.51 10.42 7.85
CA ARG C 228 35.61 10.14 8.95
C ARG C 228 34.26 10.81 8.78
N ALA C 229 34.14 11.75 7.84
CA ALA C 229 32.85 12.30 7.46
C ALA C 229 32.11 11.40 6.49
N LEU C 230 32.82 10.86 5.49
CA LEU C 230 32.21 9.86 4.61
C LEU C 230 31.82 8.61 5.39
N ARG C 231 32.69 8.14 6.28
CA ARG C 231 32.38 6.98 7.09
C ARG C 231 31.14 7.21 7.93
N GLU C 232 31.05 8.38 8.57
CA GLU C 232 29.86 8.69 9.36
C GLU C 232 28.62 8.76 8.49
N ALA C 233 28.66 9.55 7.41
CA ALA C 233 27.48 9.73 6.57
C ALA C 233 27.06 8.44 5.88
N PHE C 234 27.93 7.44 5.80
CA PHE C 234 27.56 6.15 5.26
C PHE C 234 27.11 5.15 6.31
N TYR C 235 27.58 5.26 7.56
CA TYR C 235 27.26 4.28 8.58
C TYR C 235 26.65 4.90 9.84
N ARG C 236 25.78 5.90 9.71
CA ARG C 236 25.05 6.39 10.87
C ARG C 236 24.08 5.33 11.38
N GLN C 237 24.09 5.11 12.69
CA GLN C 237 23.18 4.18 13.33
C GLN C 237 22.02 4.88 14.03
N ASN C 238 22.02 6.21 14.05
CA ASN C 238 20.94 6.98 14.68
C ASN C 238 20.02 7.66 13.68
N LEU C 239 20.50 7.92 12.47
CA LEU C 239 19.72 8.59 11.43
C LEU C 239 19.90 7.84 10.12
N PRO C 240 18.99 8.02 9.16
CA PRO C 240 19.15 7.35 7.86
C PRO C 240 20.50 7.66 7.22
N ASN C 241 21.26 6.61 6.94
CA ASN C 241 22.56 6.74 6.31
C ASN C 241 22.44 6.40 4.82
N LEU C 242 23.57 6.39 4.12
CA LEU C 242 23.59 6.14 2.69
C LEU C 242 23.70 4.66 2.34
N MET C 243 24.12 3.81 3.27
CA MET C 243 24.08 2.37 3.06
C MET C 243 22.66 1.82 3.16
N ASN C 244 21.75 2.58 3.73
CA ASN C 244 20.33 2.24 3.72
C ASN C 244 19.61 2.79 2.49
N LEU C 245 20.18 3.77 1.81
CA LEU C 245 19.64 4.28 0.56
C LEU C 245 20.21 3.58 -0.66
N ILE C 246 21.45 3.07 -0.56
CA ILE C 246 21.98 2.19 -1.60
C ILE C 246 21.31 0.82 -1.56
N ALA C 247 21.05 0.29 -0.36
CA ALA C 247 20.32 -0.97 -0.24
C ALA C 247 18.91 -0.83 -0.80
N THR C 248 18.29 0.34 -0.64
CA THR C 248 16.97 0.57 -1.21
C THR C 248 17.02 0.47 -2.73
N ILE C 249 18.04 1.06 -3.36
CA ILE C 249 18.16 1.00 -4.81
C ILE C 249 18.43 -0.43 -5.26
N PHE C 250 19.28 -1.15 -4.53
CA PHE C 250 19.59 -2.53 -4.88
C PHE C 250 18.34 -3.41 -4.80
N VAL C 251 17.55 -3.25 -3.74
CA VAL C 251 16.32 -4.04 -3.59
C VAL C 251 15.31 -3.64 -4.66
N PHE C 252 15.24 -2.35 -4.99
CA PHE C 252 14.39 -1.92 -6.10
C PHE C 252 14.78 -2.64 -7.39
N ALA C 253 16.09 -2.70 -7.67
CA ALA C 253 16.56 -3.36 -8.89
C ALA C 253 16.21 -4.85 -8.88
N VAL C 254 16.40 -5.51 -7.73
CA VAL C 254 16.13 -6.94 -7.66
C VAL C 254 14.64 -7.22 -7.86
N VAL C 255 13.78 -6.43 -7.20
CA VAL C 255 12.34 -6.61 -7.37
C VAL C 255 11.92 -6.31 -8.81
N ILE C 256 12.54 -5.31 -9.43
CA ILE C 256 12.22 -4.99 -10.82
C ILE C 256 12.59 -6.16 -11.72
N TYR C 257 13.77 -6.75 -11.50
CA TYR C 257 14.19 -7.89 -12.31
C TYR C 257 13.25 -9.07 -12.12
N PHE C 258 12.90 -9.38 -10.87
CA PHE C 258 12.11 -10.57 -10.59
C PHE C 258 10.64 -10.40 -10.95
N GLN C 259 10.14 -9.17 -11.01
CA GLN C 259 8.74 -8.97 -11.39
C GLN C 259 8.54 -9.02 -12.90
N GLY C 260 9.60 -8.87 -13.67
CA GLY C 260 9.52 -9.00 -15.11
C GLY C 260 9.44 -10.42 -15.62
N PHE C 261 9.56 -11.41 -14.76
CA PHE C 261 9.39 -12.80 -15.18
C PHE C 261 7.95 -13.04 -15.59
N ARG C 262 7.75 -13.83 -16.64
CA ARG C 262 6.42 -14.16 -17.10
C ARG C 262 6.51 -15.44 -17.94
N TYR C 263 5.51 -16.30 -17.80
CA TYR C 263 5.40 -17.50 -18.62
C TYR C 263 4.50 -17.15 -19.81
N GLU C 264 5.12 -16.77 -20.90
CA GLU C 264 4.39 -16.34 -22.09
C GLU C 264 3.74 -17.54 -22.76
N LEU C 265 2.42 -17.67 -22.64
CA LEU C 265 1.62 -18.71 -23.26
C LEU C 265 1.14 -18.27 -24.65
N PRO C 266 1.48 -19.01 -25.70
CA PRO C 266 1.04 -18.62 -27.04
C PRO C 266 -0.42 -18.99 -27.32
N ILE C 267 -1.34 -18.13 -26.91
CA ILE C 267 -2.76 -18.38 -27.13
C ILE C 267 -3.11 -18.05 -28.58
N ARG C 268 -4.18 -18.67 -29.06
CA ARG C 268 -4.60 -18.51 -30.45
C ARG C 268 -6.11 -18.65 -30.51
N SER C 269 -6.80 -17.59 -30.93
CA SER C 269 -8.25 -17.61 -30.98
C SER C 269 -8.75 -18.54 -32.08
N THR C 270 -9.91 -19.15 -31.84
CA THR C 270 -10.55 -20.02 -32.80
C THR C 270 -11.92 -19.53 -33.25
N LYS C 271 -12.45 -18.47 -32.63
CA LYS C 271 -13.72 -17.91 -33.05
C LYS C 271 -13.52 -16.94 -34.21
N VAL C 272 -12.74 -15.87 -33.99
CA VAL C 272 -12.31 -15.01 -35.07
C VAL C 272 -10.85 -15.33 -35.41
N ARG C 273 -10.66 -16.23 -36.36
CA ARG C 273 -9.33 -16.69 -36.73
C ARG C 273 -8.50 -15.55 -37.31
N GLY C 274 -7.30 -15.37 -36.77
CA GLY C 274 -6.42 -14.34 -37.25
C GLY C 274 -5.65 -13.61 -36.16
N GLN C 275 -6.16 -13.62 -34.94
CA GLN C 275 -5.53 -12.92 -33.82
C GLN C 275 -4.73 -13.95 -33.00
N ILE C 276 -3.45 -14.04 -33.30
CA ILE C 276 -2.51 -14.80 -32.48
C ILE C 276 -1.98 -13.87 -31.40
N GLY C 277 -1.83 -14.40 -30.19
CA GLY C 277 -1.43 -13.54 -29.09
C GLY C 277 -0.64 -14.31 -28.06
N ILE C 278 -0.24 -13.58 -27.01
CA ILE C 278 0.54 -14.12 -25.92
C ILE C 278 -0.20 -13.85 -24.62
N TYR C 279 -0.42 -14.89 -23.82
CA TYR C 279 -1.03 -14.75 -22.52
C TYR C 279 0.07 -14.82 -21.46
N PRO C 280 0.45 -13.72 -20.84
CA PRO C 280 1.56 -13.76 -19.88
C PRO C 280 1.11 -14.17 -18.48
N ILE C 281 1.72 -15.22 -17.95
CA ILE C 281 1.49 -15.67 -16.58
C ILE C 281 2.71 -15.24 -15.78
N LYS C 282 2.61 -14.09 -15.12
CA LYS C 282 3.75 -13.54 -14.40
C LYS C 282 4.11 -14.43 -13.21
N LEU C 283 5.40 -14.42 -12.86
CA LEU C 283 5.84 -15.11 -11.66
C LEU C 283 5.17 -14.52 -10.42
N PHE C 284 5.11 -13.20 -10.35
CA PHE C 284 4.32 -12.53 -9.32
C PHE C 284 2.86 -12.53 -9.74
N TYR C 285 2.25 -13.72 -9.78
CA TYR C 285 0.88 -13.88 -10.25
C TYR C 285 -0.06 -12.97 -9.48
N THR C 286 -0.10 -13.14 -8.16
CA THR C 286 -0.81 -12.21 -7.30
C THR C 286 0.13 -11.05 -6.97
N SER C 287 -0.04 -9.94 -7.68
CA SER C 287 0.89 -8.81 -7.60
C SER C 287 0.72 -8.11 -6.26
N ASN C 288 1.64 -8.40 -5.33
CA ASN C 288 1.79 -7.81 -4.00
C ASN C 288 0.56 -8.04 -3.12
N ILE C 289 -0.44 -8.78 -3.56
CA ILE C 289 -1.56 -9.17 -2.71
C ILE C 289 -1.06 -10.00 -1.53
N PRO C 290 -0.13 -10.95 -1.71
CA PRO C 290 0.45 -11.60 -0.52
C PRO C 290 1.09 -10.63 0.44
N ILE C 291 1.79 -9.61 -0.05
CA ILE C 291 2.37 -8.60 0.82
C ILE C 291 1.30 -7.81 1.56
N ILE C 292 0.24 -7.38 0.86
CA ILE C 292 -0.84 -6.65 1.52
C ILE C 292 -1.48 -7.52 2.60
N LEU C 293 -1.78 -8.78 2.28
CA LEU C 293 -2.41 -9.66 3.25
C LEU C 293 -1.54 -9.94 4.46
N GLN C 294 -0.26 -10.26 4.26
CA GLN C 294 0.64 -10.49 5.38
C GLN C 294 0.85 -9.24 6.23
N SER C 295 1.08 -8.09 5.59
CA SER C 295 1.24 -6.85 6.34
C SER C 295 -0.02 -6.47 7.10
N ALA C 296 -1.20 -6.64 6.50
CA ALA C 296 -2.45 -6.39 7.18
C ALA C 296 -2.68 -7.33 8.36
N LEU C 297 -2.34 -8.59 8.23
CA LEU C 297 -2.48 -9.50 9.36
C LEU C 297 -1.63 -9.06 10.52
N VAL C 298 -0.33 -9.00 10.33
CA VAL C 298 0.57 -8.64 11.41
C VAL C 298 0.20 -7.29 11.98
N SER C 299 -0.05 -6.29 11.15
CA SER C 299 -0.37 -4.95 11.63
C SER C 299 -1.59 -4.90 12.52
N ASN C 300 -2.68 -5.52 12.10
CA ASN C 300 -3.91 -5.47 12.87
C ASN C 300 -3.79 -6.38 14.06
N LEU C 301 -2.66 -7.07 14.18
CA LEU C 301 -2.44 -7.96 15.31
C LEU C 301 -1.51 -7.32 16.30
N TYR C 302 -0.73 -6.34 15.87
CA TYR C 302 0.11 -5.61 16.78
C TYR C 302 -0.73 -4.56 17.46
N VAL C 303 -1.67 -3.97 16.74
CA VAL C 303 -2.56 -2.97 17.30
C VAL C 303 -3.52 -3.60 18.29
N ILE C 304 -3.73 -4.90 18.20
CA ILE C 304 -4.60 -5.60 19.12
C ILE C 304 -3.80 -6.09 20.30
N SER C 305 -2.66 -6.73 20.05
CA SER C 305 -1.80 -7.12 21.16
C SER C 305 -1.19 -5.94 21.88
N GLN C 306 -1.26 -4.73 21.30
CA GLN C 306 -0.81 -3.53 21.97
C GLN C 306 -1.89 -2.86 22.79
N MET C 307 -3.14 -3.03 22.41
CA MET C 307 -4.24 -2.48 23.19
C MET C 307 -4.58 -3.46 24.28
N LEU C 308 -4.34 -4.74 24.05
CA LEU C 308 -4.58 -5.76 25.06
C LEU C 308 -3.37 -5.97 25.97
N SER C 309 -2.29 -5.22 25.76
CA SER C 309 -1.15 -5.24 26.69
C SER C 309 -1.26 -4.14 27.75
N ALA C 310 -2.20 -3.22 27.61
CA ALA C 310 -2.46 -2.22 28.65
C ALA C 310 -3.56 -2.76 29.57
N ARG C 311 -4.74 -3.03 29.01
CA ARG C 311 -5.77 -3.75 29.75
C ARG C 311 -5.41 -5.23 29.81
N PHE C 312 -5.89 -5.89 30.86
CA PHE C 312 -5.63 -7.32 31.08
C PHE C 312 -4.13 -7.62 31.11
N SER C 313 -3.34 -6.68 31.62
CA SER C 313 -1.89 -6.83 31.65
C SER C 313 -1.49 -7.94 32.62
N GLY C 314 -0.41 -8.63 32.26
CA GLY C 314 0.09 -9.73 33.07
C GLY C 314 -0.65 -11.04 32.92
N ASN C 315 -1.57 -11.14 31.97
CA ASN C 315 -2.34 -12.38 31.78
C ASN C 315 -1.49 -13.39 31.03
N LEU C 316 -2.09 -14.53 30.66
CA LEU C 316 -1.38 -15.56 29.91
C LEU C 316 -1.65 -15.41 28.42
N LEU C 317 -2.92 -15.26 28.05
CA LEU C 317 -3.27 -15.06 26.64
C LEU C 317 -2.63 -13.79 26.11
N VAL C 318 -2.60 -12.72 26.92
CA VAL C 318 -1.89 -11.50 26.55
C VAL C 318 -0.40 -11.70 26.44
N SER C 319 0.23 -12.41 27.39
CA SER C 319 1.66 -12.63 27.36
C SER C 319 2.10 -13.55 26.22
N LEU C 320 1.20 -14.36 25.68
CA LEU C 320 1.52 -15.19 24.53
C LEU C 320 1.21 -14.50 23.20
N LEU C 321 0.16 -13.69 23.15
CA LEU C 321 -0.15 -12.95 21.92
C LEU C 321 0.93 -11.94 21.62
N GLY C 322 1.46 -11.26 22.63
CA GLY C 322 2.51 -10.29 22.44
C GLY C 322 3.00 -9.68 23.73
N THR C 323 4.32 -9.46 23.83
CA THR C 323 4.94 -8.85 25.00
C THR C 323 5.72 -7.61 24.51
N TRP C 324 5.13 -6.44 24.72
CA TRP C 324 5.73 -5.21 24.23
C TRP C 324 6.68 -4.62 25.26
N SER C 325 7.52 -3.69 24.81
CA SER C 325 8.48 -3.03 25.68
C SER C 325 7.78 -2.19 26.75
N ALA C 335 8.00 1.32 20.77
CA ALA C 335 7.43 0.14 21.39
C ALA C 335 7.53 -1.08 20.48
N TYR C 336 8.62 -1.84 20.63
CA TYR C 336 8.86 -3.03 19.83
C TYR C 336 8.61 -4.29 20.66
N PRO C 337 8.14 -5.36 20.03
CA PRO C 337 7.88 -6.60 20.78
C PRO C 337 9.18 -7.20 21.31
N VAL C 338 9.08 -7.84 22.48
CA VAL C 338 10.19 -8.55 23.09
C VAL C 338 9.85 -9.99 23.41
N GLY C 339 8.63 -10.42 23.15
CA GLY C 339 8.24 -11.79 23.43
C GLY C 339 6.88 -12.08 22.83
N GLY C 340 6.39 -13.30 23.10
CA GLY C 340 5.09 -13.69 22.62
C GLY C 340 5.07 -13.91 21.12
N LEU C 341 3.84 -13.99 20.60
CA LEU C 341 3.67 -14.21 19.16
C LEU C 341 4.17 -13.03 18.35
N CYS C 342 3.97 -11.81 18.87
CA CYS C 342 4.39 -10.61 18.13
C CYS C 342 5.89 -10.58 17.88
N TYR C 343 6.68 -11.11 18.82
CA TYR C 343 8.13 -11.10 18.65
C TYR C 343 8.55 -11.95 17.47
N TYR C 344 7.94 -13.12 17.29
CA TYR C 344 8.33 -14.04 16.24
C TYR C 344 7.82 -13.62 14.86
N LEU C 345 6.95 -12.62 14.79
CA LEU C 345 6.50 -12.07 13.52
C LEU C 345 7.26 -10.81 13.12
N SER C 346 7.91 -10.15 14.07
CA SER C 346 8.65 -8.92 13.79
C SER C 346 10.00 -9.24 13.14
N PRO C 347 10.40 -8.48 12.13
CA PRO C 347 11.72 -8.68 11.53
C PRO C 347 12.82 -8.45 12.54
N PRO C 348 13.90 -9.23 12.48
CA PRO C 348 15.04 -8.96 13.37
C PRO C 348 15.70 -7.64 13.01
N GLU C 349 16.41 -7.07 13.98
CA GLU C 349 17.10 -5.80 13.76
C GLU C 349 18.30 -6.03 12.85
N SER C 350 18.04 -6.24 11.55
CA SER C 350 19.05 -6.51 10.54
C SER C 350 19.68 -7.88 10.77
N PHE C 351 20.72 -8.21 10.00
CA PHE C 351 21.38 -9.50 10.17
C PHE C 351 22.28 -9.52 11.40
N GLY C 352 22.64 -8.35 11.92
CA GLY C 352 23.50 -8.30 13.09
C GLY C 352 22.83 -8.83 14.35
N SER C 353 21.54 -8.57 14.51
CA SER C 353 20.81 -8.99 15.71
C SER C 353 20.37 -10.45 15.66
N VAL C 354 20.83 -11.22 14.66
CA VAL C 354 20.47 -12.62 14.53
C VAL C 354 21.32 -13.53 15.41
N LEU C 355 22.55 -13.12 15.74
CA LEU C 355 23.48 -14.01 16.43
C LEU C 355 22.94 -14.44 17.79
N GLU C 356 22.36 -13.52 18.55
CA GLU C 356 21.86 -13.86 19.88
C GLU C 356 20.66 -14.78 19.79
N ASP C 357 19.73 -14.50 18.89
CA ASP C 357 18.52 -15.30 18.75
C ASP C 357 18.46 -15.91 17.35
N PRO C 358 18.91 -17.14 17.16
CA PRO C 358 18.80 -17.77 15.84
C PRO C 358 17.42 -18.33 15.56
N VAL C 359 16.76 -18.84 16.61
CA VAL C 359 15.46 -19.45 16.43
C VAL C 359 14.43 -18.41 16.01
N HIS C 360 14.54 -17.19 16.53
CA HIS C 360 13.64 -16.12 16.12
C HIS C 360 13.79 -15.82 14.63
N ALA C 361 15.03 -15.72 14.16
CA ALA C 361 15.27 -15.46 12.75
C ALA C 361 14.75 -16.60 11.88
N VAL C 362 14.99 -17.84 12.30
CA VAL C 362 14.50 -18.99 11.53
C VAL C 362 12.99 -18.96 11.44
N VAL C 363 12.32 -18.76 12.57
CA VAL C 363 10.87 -18.69 12.59
C VAL C 363 10.32 -17.54 11.75
N TYR C 364 10.95 -16.37 11.80
CA TYR C 364 10.52 -15.25 10.95
C TYR C 364 10.71 -15.51 9.46
N ILE C 365 11.86 -16.05 9.06
CA ILE C 365 12.10 -16.30 7.64
C ILE C 365 11.16 -17.38 7.14
N VAL C 366 10.85 -18.36 7.97
CA VAL C 366 9.90 -19.40 7.63
C VAL C 366 8.48 -18.85 7.54
N PHE C 367 8.08 -18.03 8.52
CA PHE C 367 6.73 -17.48 8.54
C PHE C 367 6.48 -16.58 7.34
N MET C 368 7.42 -15.72 6.98
CA MET C 368 7.25 -14.78 5.86
C MET C 368 7.11 -15.46 4.53
N LEU C 369 7.84 -16.52 4.28
CA LEU C 369 7.70 -17.30 3.05
C LEU C 369 6.42 -18.14 3.06
N GLY C 370 6.18 -18.88 4.15
CA GLY C 370 5.04 -19.76 4.22
C GLY C 370 3.71 -19.05 4.41
N SER C 371 3.73 -17.75 4.71
CA SER C 371 2.52 -16.96 4.71
C SER C 371 2.26 -16.30 3.36
N CYS C 372 3.30 -15.77 2.71
CA CYS C 372 3.11 -15.25 1.36
C CYS C 372 2.68 -16.35 0.39
N ALA C 373 3.28 -17.53 0.47
CA ALA C 373 2.89 -18.63 -0.41
C ALA C 373 1.43 -19.03 -0.17
N PHE C 374 1.06 -19.20 1.10
CA PHE C 374 -0.31 -19.60 1.42
C PHE C 374 -1.31 -18.55 0.97
N PHE C 375 -1.01 -17.27 1.23
CA PHE C 375 -1.91 -16.21 0.81
C PHE C 375 -2.04 -16.13 -0.70
N SER C 376 -0.94 -16.33 -1.44
CA SER C 376 -1.02 -16.30 -2.89
C SER C 376 -1.85 -17.45 -3.43
N LYS C 377 -1.61 -18.67 -2.93
CA LYS C 377 -2.33 -19.82 -3.47
C LYS C 377 -3.78 -19.84 -3.01
N THR C 378 -4.10 -19.11 -1.94
CA THR C 378 -5.50 -18.95 -1.55
C THR C 378 -6.16 -17.83 -2.34
N TRP C 379 -5.42 -16.78 -2.66
CA TRP C 379 -5.99 -15.66 -3.41
C TRP C 379 -6.26 -16.04 -4.85
N ILE C 380 -5.47 -16.94 -5.43
CA ILE C 380 -5.78 -17.36 -6.79
C ILE C 380 -7.11 -18.12 -6.85
N GLU C 381 -7.51 -18.77 -5.76
CA GLU C 381 -8.81 -19.43 -5.70
C GLU C 381 -9.94 -18.50 -5.30
N VAL C 382 -9.66 -17.51 -4.44
CA VAL C 382 -10.69 -16.60 -3.98
C VAL C 382 -11.00 -15.49 -4.99
N SER C 383 -9.99 -14.97 -5.70
CA SER C 383 -10.16 -13.84 -6.60
C SER C 383 -10.51 -14.27 -8.02
N GLY C 384 -10.84 -15.54 -8.23
CA GLY C 384 -11.22 -16.01 -9.54
C GLY C 384 -10.11 -15.98 -10.56
N SER C 385 -8.89 -16.34 -10.15
CA SER C 385 -7.77 -16.46 -11.06
C SER C 385 -7.15 -17.86 -11.03
N SER C 386 -7.88 -18.84 -10.51
CA SER C 386 -7.43 -20.22 -10.43
C SER C 386 -7.37 -20.82 -11.84
N PRO C 387 -6.66 -21.94 -12.04
CA PRO C 387 -6.62 -22.53 -13.38
C PRO C 387 -7.98 -22.84 -13.96
N ARG C 388 -8.96 -23.23 -13.13
CA ARG C 388 -10.29 -23.50 -13.63
C ARG C 388 -10.94 -22.23 -14.17
N ASP C 389 -10.78 -21.11 -13.47
CA ASP C 389 -11.38 -19.85 -13.92
C ASP C 389 -10.72 -19.37 -15.21
N ILE C 390 -9.40 -19.48 -15.31
CA ILE C 390 -8.73 -19.07 -16.54
C ILE C 390 -9.09 -20.00 -17.69
N ALA C 391 -9.27 -21.29 -17.42
CA ALA C 391 -9.71 -22.21 -18.46
C ALA C 391 -11.12 -21.87 -18.92
N LYS C 392 -12.01 -21.49 -18.00
CA LYS C 392 -13.34 -21.05 -18.38
C LYS C 392 -13.29 -19.78 -19.23
N GLN C 393 -12.42 -18.83 -18.88
CA GLN C 393 -12.26 -17.64 -19.71
C GLN C 393 -11.77 -17.99 -21.10
N PHE C 394 -10.80 -18.91 -21.19
CA PHE C 394 -10.29 -19.34 -22.49
C PHE C 394 -11.40 -19.99 -23.31
N LYS C 395 -12.20 -20.84 -22.69
CA LYS C 395 -13.29 -21.51 -23.40
C LYS C 395 -14.34 -20.50 -23.87
N ASP C 396 -14.66 -19.52 -23.02
CA ASP C 396 -15.68 -18.53 -23.34
C ASP C 396 -15.20 -17.50 -24.36
N GLN C 397 -13.88 -17.31 -24.52
CA GLN C 397 -13.35 -16.39 -25.51
C GLN C 397 -12.83 -17.12 -26.75
N GLY C 398 -12.91 -18.45 -26.78
CA GLY C 398 -12.41 -19.21 -27.91
C GLY C 398 -10.91 -19.39 -27.93
N MET C 399 -10.19 -18.87 -26.95
CA MET C 399 -8.74 -18.99 -26.91
C MET C 399 -8.32 -20.44 -26.70
N VAL C 400 -7.30 -20.86 -27.43
CA VAL C 400 -6.66 -22.15 -27.22
C VAL C 400 -5.15 -21.94 -27.24
N ILE C 401 -4.42 -22.80 -26.54
CA ILE C 401 -2.97 -22.76 -26.59
C ILE C 401 -2.52 -23.27 -27.95
N ASN C 402 -1.57 -22.56 -28.56
CA ASN C 402 -1.14 -22.85 -29.93
C ASN C 402 -0.65 -24.29 -30.10
N GLY C 403 0.42 -24.65 -29.39
CA GLY C 403 0.99 -25.97 -29.55
C GLY C 403 0.08 -27.08 -29.06
N LYS C 404 -0.63 -26.83 -27.96
CA LYS C 404 -1.42 -27.87 -27.30
C LYS C 404 -2.82 -27.93 -27.91
N ARG C 405 -3.68 -28.77 -27.31
CA ARG C 405 -5.02 -29.00 -27.85
C ARG C 405 -6.01 -28.00 -27.24
N GLU C 406 -7.29 -28.22 -27.50
CA GLU C 406 -8.35 -27.38 -26.95
C GLU C 406 -8.90 -27.89 -25.62
N THR C 407 -9.01 -29.21 -25.45
CA THR C 407 -9.48 -29.77 -24.20
C THR C 407 -8.37 -29.87 -23.16
N SER C 408 -7.12 -29.65 -23.54
CA SER C 408 -5.98 -29.75 -22.64
C SER C 408 -5.55 -28.41 -22.07
N ILE C 409 -6.34 -27.34 -22.30
CA ILE C 409 -5.98 -26.04 -21.75
C ILE C 409 -5.97 -26.05 -20.23
N TYR C 410 -6.94 -26.73 -19.59
CA TYR C 410 -6.98 -26.77 -18.14
C TYR C 410 -5.75 -27.45 -17.55
N ARG C 411 -5.29 -28.54 -18.16
CA ARG C 411 -4.09 -29.21 -17.66
C ARG C 411 -2.86 -28.33 -17.79
N GLU C 412 -2.69 -27.69 -18.95
CA GLU C 412 -1.52 -26.84 -19.16
C GLU C 412 -1.56 -25.58 -18.30
N LEU C 413 -2.75 -25.16 -17.88
CA LEU C 413 -2.86 -24.04 -16.96
C LEU C 413 -2.68 -24.46 -15.50
N LYS C 414 -3.10 -25.67 -15.14
CA LYS C 414 -2.91 -26.21 -13.80
C LYS C 414 -1.48 -26.63 -13.55
N LYS C 415 -0.71 -26.89 -14.59
CA LYS C 415 0.71 -27.17 -14.44
C LYS C 415 1.57 -25.92 -14.32
N ILE C 416 0.97 -24.73 -14.43
CA ILE C 416 1.71 -23.46 -14.40
C ILE C 416 1.21 -22.54 -13.28
N ILE C 417 -0.07 -22.20 -13.31
CA ILE C 417 -0.63 -21.15 -12.45
C ILE C 417 -0.48 -21.46 -10.96
N PRO C 418 -0.79 -22.66 -10.47
CA PRO C 418 -0.57 -22.93 -9.03
C PRO C 418 0.88 -22.80 -8.62
N THR C 419 1.79 -23.41 -9.38
CA THR C 419 3.21 -23.28 -9.09
C THR C 419 3.67 -21.84 -9.21
N ALA C 420 3.17 -21.12 -10.21
CA ALA C 420 3.53 -19.71 -10.36
C ALA C 420 3.11 -18.90 -9.16
N ALA C 421 1.89 -19.12 -8.66
CA ALA C 421 1.40 -18.39 -7.50
C ALA C 421 2.22 -18.72 -6.26
N ALA C 422 2.47 -20.01 -6.02
CA ALA C 422 3.23 -20.41 -4.84
C ALA C 422 4.64 -19.84 -4.87
N PHE C 423 5.31 -19.94 -6.02
CA PHE C 423 6.68 -19.47 -6.10
C PHE C 423 6.77 -17.95 -6.13
N GLY C 424 5.77 -17.26 -6.65
CA GLY C 424 5.73 -15.82 -6.54
C GLY C 424 5.36 -15.35 -5.15
N GLY C 425 4.80 -16.22 -4.32
CA GLY C 425 4.67 -15.93 -2.91
C GLY C 425 6.00 -16.08 -2.20
N LEU C 426 6.68 -17.20 -2.43
CA LEU C 426 8.01 -17.39 -1.83
C LEU C 426 8.97 -16.29 -2.24
N CYS C 427 8.99 -15.94 -3.53
CA CYS C 427 9.92 -14.94 -4.03
C CYS C 427 9.64 -13.57 -3.41
N ILE C 428 8.36 -13.19 -3.33
CA ILE C 428 8.04 -11.86 -2.80
C ILE C 428 8.32 -11.82 -1.29
N GLY C 429 8.06 -12.91 -0.58
CA GLY C 429 8.40 -12.96 0.83
C GLY C 429 9.90 -12.91 1.06
N ALA C 430 10.66 -13.60 0.22
CA ALA C 430 12.11 -13.57 0.32
C ALA C 430 12.67 -12.20 0.01
N LEU C 431 12.09 -11.51 -0.97
CA LEU C 431 12.52 -10.14 -1.26
C LEU C 431 12.22 -9.21 -0.08
N SER C 432 11.05 -9.38 0.55
CA SER C 432 10.75 -8.59 1.74
C SER C 432 11.74 -8.88 2.87
N VAL C 433 12.07 -10.15 3.08
CA VAL C 433 13.04 -10.51 4.12
C VAL C 433 14.40 -9.92 3.80
N LEU C 434 14.82 -9.99 2.54
CA LEU C 434 16.11 -9.45 2.14
C LEU C 434 16.17 -7.94 2.35
N ALA C 435 15.09 -7.24 1.98
CA ALA C 435 15.05 -5.80 2.17
C ALA C 435 15.07 -5.44 3.65
N ASP C 436 14.37 -6.22 4.49
CA ASP C 436 14.42 -5.98 5.92
C ASP C 436 15.82 -6.24 6.48
N PHE C 437 16.50 -7.27 6.00
CA PHE C 437 17.82 -7.65 6.48
C PHE C 437 18.91 -6.72 5.97
N LEU C 438 18.67 -6.00 4.88
CA LEU C 438 19.64 -5.05 4.35
C LEU C 438 19.47 -3.65 4.92
N GLY C 439 18.47 -3.43 5.78
CA GLY C 439 18.25 -2.12 6.33
C GLY C 439 17.79 -1.09 5.32
N ALA C 440 17.19 -1.53 4.22
CA ALA C 440 16.78 -0.60 3.16
C ALA C 440 15.70 0.35 3.66
N ILE C 441 15.75 1.59 3.19
CA ILE C 441 14.75 2.58 3.60
C ILE C 441 13.43 2.22 2.95
N GLY C 442 12.34 2.30 3.71
CA GLY C 442 11.04 1.99 3.18
C GLY C 442 10.57 0.62 3.60
N SER C 443 11.40 -0.09 4.36
CA SER C 443 11.07 -1.44 4.80
C SER C 443 11.08 -2.39 3.62
N GLY C 444 10.57 -3.59 3.82
CA GLY C 444 10.49 -4.53 2.74
C GLY C 444 9.10 -4.47 2.17
N THR C 445 8.11 -4.38 3.05
CA THR C 445 6.74 -4.25 2.60
C THR C 445 6.60 -3.02 1.77
N GLY C 446 7.14 -1.91 2.23
CA GLY C 446 7.03 -0.67 1.51
C GLY C 446 7.73 -0.65 0.18
N ILE C 447 8.93 -1.20 0.12
CA ILE C 447 9.65 -1.26 -1.11
C ILE C 447 8.97 -2.24 -2.05
N LEU C 448 8.41 -3.33 -1.53
CA LEU C 448 7.66 -4.22 -2.42
C LEU C 448 6.36 -3.59 -2.87
N LEU C 449 5.60 -2.99 -1.95
CA LEU C 449 4.36 -2.31 -2.28
C LEU C 449 4.57 -1.11 -3.18
N ALA C 450 5.74 -0.49 -3.15
CA ALA C 450 6.05 0.61 -4.04
C ALA C 450 6.40 0.11 -5.44
N VAL C 451 7.31 -0.86 -5.54
CA VAL C 451 7.74 -1.33 -6.85
C VAL C 451 6.61 -2.04 -7.59
N THR C 452 5.90 -2.94 -6.91
CA THR C 452 4.83 -3.71 -7.53
C THR C 452 3.62 -2.86 -7.89
N ILE C 453 3.52 -1.65 -7.35
CA ILE C 453 2.45 -0.73 -7.71
C ILE C 453 2.87 0.24 -8.81
N ILE C 454 4.12 0.73 -8.78
CA ILE C 454 4.66 1.48 -9.90
C ILE C 454 4.70 0.65 -11.17
N TYR C 455 4.96 -0.65 -11.06
CA TYR C 455 4.88 -1.53 -12.23
C TYR C 455 3.47 -1.65 -12.80
N GLN C 456 2.44 -1.63 -11.95
CA GLN C 456 1.07 -1.61 -12.45
C GLN C 456 0.81 -0.36 -13.28
N TYR C 457 1.26 0.80 -12.81
CA TYR C 457 1.07 2.02 -13.56
C TYR C 457 1.92 2.04 -14.82
N PHE C 458 3.08 1.39 -14.79
CA PHE C 458 3.88 1.24 -16.00
C PHE C 458 3.15 0.39 -17.03
N GLU C 459 2.51 -0.69 -16.58
CA GLU C 459 1.71 -1.52 -17.49
C GLU C 459 0.54 -0.73 -18.06
N ILE C 460 -0.13 0.06 -17.22
CA ILE C 460 -1.22 0.90 -17.72
C ILE C 460 -0.70 1.91 -18.74
N PHE C 461 0.48 2.49 -18.46
CA PHE C 461 1.10 3.42 -19.39
C PHE C 461 1.34 2.78 -20.75
N VAL C 462 1.97 1.60 -20.76
CA VAL C 462 2.27 0.96 -22.05
C VAL C 462 0.99 0.55 -22.76
N LYS C 463 -0.02 0.11 -22.01
CA LYS C 463 -1.29 -0.28 -22.62
C LYS C 463 -1.95 0.91 -23.30
N GLU C 464 -2.04 2.04 -22.60
CA GLU C 464 -2.70 3.21 -23.17
C GLU C 464 -1.88 3.81 -24.31
N GLN C 465 -0.55 3.73 -24.22
CA GLN C 465 0.30 4.25 -25.28
C GLN C 465 0.31 3.36 -26.52
N SER C 466 0.04 2.07 -26.37
CA SER C 466 -0.11 1.18 -27.51
C SER C 466 -1.55 1.09 -27.99
N GLU C 467 -2.49 1.67 -27.23
CA GLU C 467 -3.88 1.71 -27.64
C GLU C 467 -4.46 3.12 -27.47
C13 A1A2B D . -10.20 -0.28 14.39
C20 A1A2B D . -10.63 -3.60 11.25
C21 A1A2B D . -10.54 -5.17 11.33
C24 A1A2B D . -13.08 -4.71 9.07
C26 A1A2B D . -15.37 -5.24 9.91
C28 A1A2B D . -15.20 -4.90 7.40
C01 A1A2B D . -8.78 -3.39 17.85
C02 A1A2B D . -8.13 -3.24 19.08
C04 A1A2B D . -7.58 -2.00 19.48
C05 A1A2B D . -7.71 -0.91 18.60
C07 A1A2B D . -5.93 0.39 19.56
C08 A1A2B D . -8.38 -1.08 17.35
C09 A1A2B D . -8.93 -2.33 16.96
C11 A1A2B D . -10.66 -1.43 15.38
C12 A1A2B D . -11.89 -2.07 14.77
C19 A1A2B D . -9.39 -2.80 10.72
C23 A1A2B D . -12.34 -6.04 9.62
C25 A1A2B D . -14.20 -4.31 9.99
C27 A1A2B D . -16.12 -5.07 8.62
C29 A1A2B D . -13.65 -4.89 7.63
C30 A1A2B D . -9.82 -5.82 8.92
C31 A1A2B D . -10.34 -5.14 7.58
C32 A1A2B D . -9.30 -4.58 6.60
C37 A1A2B D . -6.24 -3.90 5.28
C38 A1A2B D . -6.54 -4.78 4.21
C39 A1A2B D . -6.26 -4.51 2.86
C40 A1A2B D . -5.66 -3.31 2.45
C42 A1A2B D . -6.07 -3.54 -0.01
C43 A1A2B D . -4.29 -2.02 0.76
C44 A1A2B D . -5.35 -2.40 3.48
C45 A1A2B D . -5.65 -2.70 4.82
C46 A1A2B D . -8.52 -2.28 6.97
C47 A1A2B D . -9.51 -1.54 7.91
C48 A1A2B D . -9.99 -0.40 7.13
C49 A1A2B D . -8.93 -0.95 9.20
C50 A1A2B D . -8.39 -1.40 13.72
C51 A1A2B D . -8.65 -2.68 14.51
C52 A1A2B D . -7.24 -3.10 14.96
F03 A1A2B D . -8.03 -4.31 19.88
N10 A1A2B D . -9.59 -2.47 15.70
N14 A1A2B D . -9.55 -0.77 13.20
N18 A1A2B D . -9.54 -1.29 10.46
N22 A1A2B D . -10.86 -6.00 10.05
N33 A1A2B D . -8.23 -3.73 7.17
N41 A1A2B D . -5.34 -2.97 1.11
O06 A1A2B D . -7.20 0.34 18.93
O16 A1A2B D . -10.90 0.60 11.59
O17 A1A2B D . -8.49 0.75 11.54
O35 A1A2B D . -5.77 -3.40 7.84
O36 A1A2B D . -6.49 -5.64 7.25
S15 A1A2B D . -9.64 -0.07 11.68
S34 A1A2B D . -6.60 -4.23 7.02
H131 A1A2B D . -9.55 0.44 14.97
H132 A1A2B D . -11.08 0.32 14.07
H201 A1A2B D . -10.86 -3.24 12.27
H202 A1A2B D . -11.50 -3.31 10.69
H212 A1A2B D . -11.23 -5.51 12.15
H211 A1A2B D . -9.54 -5.43 11.72
H241 A1A2B D . -12.37 -3.88 9.03
H262 A1A2B D . -16.05 -5.11 10.79
H261 A1A2B D . -15.04 -6.30 10.03
H282 A1A2B D . -15.51 -3.99 6.83
H281 A1A2B D . -15.44 -5.70 6.66
H011 A1A2B D . -9.17 -4.39 17.63
H041 A1A2B D . -7.07 -1.94 20.47
H072 A1A2B D . -5.68 1.44 19.84
H071 A1A2B D . -5.09 0.05 18.95
H073 A1A2B D . -5.87 -0.13 20.54
H081 A1A2B D . -8.47 -0.21 16.68
H111 A1A2B D . -10.95 -0.93 16.36
H122 A1A2B D . -12.11 -1.66 13.78
H121 A1A2B D . -12.77 -1.93 15.40
H123 A1A2B D . -11.79 -3.16 14.62
H192 A1A2B D . -9.03 -3.31 9.80
H191 A1A2B D . -8.54 -2.95 11.44
H231 A1A2B D . -12.96 -6.42 10.47
H232 A1A2B D . -12.50 -6.85 8.86
H252 A1A2B D . -13.86 -4.23 11.05
H251 A1A2B D . -14.53 -3.27 9.75
H272 A1A2B D . -16.84 -4.22 8.68
H271 A1A2B D . -16.82 -5.92 8.46
H292 A1A2B D . -13.24 -5.81 7.14
H291 A1A2B D . -13.24 -4.09 6.97
H302 A1A2B D . -9.40 -6.81 8.68
H301 A1A2B D . -8.92 -5.28 9.28
H312 A1A2B D . -10.96 -4.32 7.82
H311 A1A2B D . -10.99 -5.85 7.05
H321 A1A2B D . -9.81 -3.98 5.82
H322 A1A2B D . -8.88 -5.45 6.03
H381 A1A2B D . -7.02 -5.75 4.45
H391 A1A2B D . -6.52 -5.27 2.09
H421 A1A2B D . -7.17 -3.41 0.08
H422 A1A2B D . -5.94 -4.62 -0.21
H423 A1A2B D . -5.84 -3.08 -1.00
H433 A1A2B D . -3.38 -2.12 1.40
H431 A1A2B D . -4.59 -0.97 0.87
H432 A1A2B D . -3.90 -2.06 -0.28
H441 A1A2B D . -4.87 -1.43 3.22
H451 A1A2B D . -5.39 -1.95 5.58
H461 A1A2B D . -8.83 -2.08 5.91
H462 A1A2B D . -7.54 -1.73 7.01
H471 A1A2B D . -10.35 -2.26 8.19
H483 A1A2B D . -9.19 0.27 6.87
H482 A1A2B D . -10.76 0.19 7.68
H481 A1A2B D . -10.38 -0.72 6.19
H492 A1A2B D . -7.84 -1.16 9.26
H491 A1A2B D . -8.93 0.16 9.10
H502 A1A2B D . -7.67 -1.63 12.88
H501 A1A2B D . -7.83 -0.69 14.39
H511 A1A2B D . -9.04 -3.42 13.76
H523 A1A2B D . -6.63 -2.29 15.39
H521 A1A2B D . -6.61 -3.49 14.14
H522 A1A2B D . -7.21 -3.89 15.73
#